data_3KHE
#
_entry.id   3KHE
#
_cell.length_a   45.838
_cell.length_b   101.015
_cell.length_c   107.870
_cell.angle_alpha   90.000
_cell.angle_beta   90.000
_cell.angle_gamma   90.000
#
_symmetry.space_group_name_H-M   'P 21 21 21'
#
loop_
_entity.id
_entity.type
_entity.pdbx_description
1 polymer 'Calmodulin-like domain protein kinase isoform 3'
2 non-polymer 'CALCIUM ION'
3 non-polymer 'MAGNESIUM ION'
4 non-polymer GLYCEROL
5 water water
#
_entity_poly.entity_id   1
_entity_poly.type   'polypeptide(L)'
_entity_poly.pdbx_seq_one_letter_code
;GKHALTGALGNMKKFQSSQKLAQAAMLFMGSKLTTLEETKELTQIFRQLDNNGDGQLDRKELIEGYRKLMQWKGDTVSDL
DSSQIEAEVDHILQSVDFDRNGYIEYSEFVTVCMDKQLLLSRERLLAAFQQFDSDGSGKITNEELGRLFGVTEVDDETWH
QVLQECDKNNDGEVDFEEFVEMMQKICDVKV
;
_entity_poly.pdbx_strand_id   A,B
#
loop_
_chem_comp.id
_chem_comp.type
_chem_comp.name
_chem_comp.formula
CA non-polymer 'CALCIUM ION' 'Ca 2'
GOL non-polymer GLYCEROL 'C3 H8 O3'
MG non-polymer 'MAGNESIUM ION' 'Mg 2'
#
# COMPACT_ATOMS: atom_id res chain seq x y z
N HIS A 3 -20.43 -14.67 -11.20
CA HIS A 3 -20.88 -15.39 -9.97
C HIS A 3 -20.07 -15.02 -8.72
N ALA A 4 -18.74 -15.03 -8.85
CA ALA A 4 -17.85 -14.52 -7.80
C ALA A 4 -18.19 -13.05 -7.55
N LEU A 5 -18.42 -12.30 -8.61
CA LEU A 5 -18.79 -10.90 -8.48
C LEU A 5 -20.12 -10.80 -7.69
N THR A 6 -21.06 -11.72 -7.99
CA THR A 6 -22.33 -11.81 -7.26
C THR A 6 -22.09 -11.98 -5.75
N GLY A 7 -21.30 -13.00 -5.39
CA GLY A 7 -20.88 -13.23 -4.00
C GLY A 7 -20.30 -12.01 -3.29
N ALA A 8 -19.33 -11.30 -3.90
CA ALA A 8 -18.70 -10.15 -3.24
C ALA A 8 -19.63 -8.95 -3.11
N LEU A 9 -20.44 -8.70 -4.13
CA LEU A 9 -21.42 -7.62 -4.07
C LEU A 9 -22.48 -7.97 -3.00
N GLY A 10 -22.90 -9.23 -2.97
CA GLY A 10 -23.73 -9.77 -1.90
C GLY A 10 -23.18 -9.50 -0.50
N ASN A 11 -21.94 -9.92 -0.26
CA ASN A 11 -21.33 -9.67 1.03
C ASN A 11 -21.15 -8.19 1.40
N MET A 12 -20.85 -7.33 0.43
CA MET A 12 -20.81 -5.86 0.70
C MET A 12 -22.21 -5.34 1.06
N LYS A 13 -23.25 -5.84 0.38
CA LYS A 13 -24.64 -5.52 0.80
C LYS A 13 -24.95 -5.86 2.28
N LYS A 14 -24.70 -7.10 2.67
CA LYS A 14 -24.98 -7.60 3.98
C LYS A 14 -24.19 -6.86 5.05
N PHE A 15 -23.01 -6.33 4.73
CA PHE A 15 -22.06 -5.91 5.76
C PHE A 15 -22.53 -4.70 6.56
N GLN A 16 -22.46 -4.78 7.89
CA GLN A 16 -22.99 -3.68 8.68
C GLN A 16 -21.88 -3.15 9.54
N SER A 17 -21.92 -1.87 9.85
CA SER A 17 -20.84 -1.31 10.71
C SER A 17 -20.78 -1.93 12.10
N SER A 18 -19.64 -1.81 12.75
N SER A 18 -19.64 -1.85 12.74
CA SER A 18 -19.54 -2.32 14.10
CA SER A 18 -19.54 -2.35 14.10
C SER A 18 -18.71 -1.41 14.98
C SER A 18 -18.81 -1.36 15.00
N GLN A 19 -18.72 -1.71 16.26
CA GLN A 19 -17.95 -0.97 17.16
C GLN A 19 -16.44 -1.02 16.71
N LYS A 20 -15.72 -0.09 17.23
CA LYS A 20 -14.45 0.29 16.66
C LYS A 20 -13.36 -0.74 16.90
N LEU A 21 -13.44 -1.46 18.01
CA LEU A 21 -12.37 -2.46 18.26
C LEU A 21 -12.51 -3.60 17.23
N ALA A 22 -13.75 -4.04 17.03
CA ALA A 22 -14.03 -5.04 16.02
C ALA A 22 -13.67 -4.50 14.62
N GLN A 23 -13.95 -3.24 14.35
CA GLN A 23 -13.61 -2.60 13.13
C GLN A 23 -12.08 -2.56 12.90
N ALA A 24 -11.33 -2.07 13.89
CA ALA A 24 -9.89 -2.06 13.80
C ALA A 24 -9.32 -3.49 13.64
N ALA A 25 -9.89 -4.48 14.32
CA ALA A 25 -9.44 -5.89 14.22
C ALA A 25 -9.61 -6.47 12.86
N MET A 26 -10.79 -6.30 12.24
CA MET A 26 -11.04 -6.90 10.97
C MET A 26 -10.19 -6.30 9.95
N LEU A 27 -10.04 -4.97 10.00
CA LEU A 27 -9.33 -4.27 8.92
C LEU A 27 -7.86 -4.66 9.00
N PHE A 28 -7.34 -4.84 10.21
CA PHE A 28 -5.91 -5.11 10.40
C PHE A 28 -5.64 -6.51 9.91
N MET A 29 -6.52 -7.42 10.27
CA MET A 29 -6.37 -8.80 9.79
C MET A 29 -6.48 -8.83 8.30
N GLY A 30 -7.49 -8.18 7.73
CA GLY A 30 -7.70 -8.25 6.29
C GLY A 30 -6.66 -7.59 5.41
N SER A 31 -6.08 -6.50 5.92
N SER A 31 -6.05 -6.53 5.93
CA SER A 31 -5.18 -5.61 5.20
CA SER A 31 -5.20 -5.63 5.18
C SER A 31 -3.72 -6.03 5.33
C SER A 31 -3.72 -5.98 5.35
N LYS A 32 -3.37 -6.49 6.55
CA LYS A 32 -2.01 -6.81 6.88
C LYS A 32 -1.65 -8.27 7.12
N LEU A 33 -2.57 -9.14 7.54
CA LEU A 33 -2.26 -10.47 7.98
C LEU A 33 -2.67 -11.52 6.99
N THR A 34 -3.29 -11.13 5.86
CA THR A 34 -3.71 -12.09 4.86
C THR A 34 -2.57 -12.11 3.80
N THR A 35 -2.37 -13.25 3.16
CA THR A 35 -1.42 -13.33 2.09
C THR A 35 -2.15 -12.98 0.78
N LEU A 36 -1.39 -12.46 -0.19
CA LEU A 36 -2.00 -12.19 -1.48
C LEU A 36 -2.47 -13.49 -2.15
N GLU A 37 -1.77 -14.58 -1.86
CA GLU A 37 -2.22 -15.89 -2.34
C GLU A 37 -3.64 -16.23 -1.88
N GLU A 38 -3.91 -16.12 -0.57
CA GLU A 38 -5.24 -16.34 0.02
C GLU A 38 -6.30 -15.44 -0.56
N THR A 39 -5.93 -14.26 -1.04
CA THR A 39 -6.89 -13.29 -1.49
C THR A 39 -6.96 -13.18 -3.01
N LYS A 40 -6.34 -14.11 -3.73
CA LYS A 40 -6.20 -13.90 -5.14
C LYS A 40 -7.51 -13.85 -5.90
N GLU A 41 -8.53 -14.59 -5.49
CA GLU A 41 -9.86 -14.52 -6.13
CA GLU A 41 -9.83 -14.49 -6.18
C GLU A 41 -10.52 -13.13 -5.93
N LEU A 42 -10.40 -12.62 -4.73
CA LEU A 42 -10.89 -11.26 -4.42
C LEU A 42 -10.13 -10.20 -5.23
N THR A 43 -8.81 -10.40 -5.45
CA THR A 43 -8.06 -9.45 -6.28
C THR A 43 -8.64 -9.40 -7.71
N GLN A 44 -8.97 -10.56 -8.25
CA GLN A 44 -9.47 -10.60 -9.63
CA GLN A 44 -9.50 -10.65 -9.61
C GLN A 44 -10.79 -9.91 -9.73
N ILE A 45 -11.66 -10.08 -8.72
CA ILE A 45 -12.96 -9.40 -8.67
C ILE A 45 -12.81 -7.91 -8.54
N PHE A 46 -11.95 -7.50 -7.60
CA PHE A 46 -11.61 -6.11 -7.44
C PHE A 46 -11.14 -5.42 -8.75
N ARG A 47 -10.25 -6.09 -9.46
CA ARG A 47 -9.79 -5.60 -10.78
C ARG A 47 -10.95 -5.46 -11.77
N GLN A 48 -11.98 -6.32 -11.73
CA GLN A 48 -13.09 -6.25 -12.66
CA GLN A 48 -13.07 -6.25 -12.69
C GLN A 48 -13.92 -5.00 -12.33
N LEU A 49 -13.99 -4.65 -11.04
CA LEU A 49 -14.69 -3.42 -10.63
C LEU A 49 -13.91 -2.14 -10.89
N ASP A 50 -12.57 -2.21 -10.76
CA ASP A 50 -11.72 -0.99 -10.71
C ASP A 50 -11.46 -0.53 -12.16
N ASN A 51 -12.46 0.14 -12.72
CA ASN A 51 -12.43 0.50 -14.15
C ASN A 51 -11.19 1.32 -14.51
N ASN A 52 -10.87 2.29 -13.67
CA ASN A 52 -9.69 3.11 -13.93
C ASN A 52 -8.39 2.57 -13.35
N GLY A 53 -8.37 1.39 -12.79
CA GLY A 53 -7.13 0.80 -12.20
C GLY A 53 -6.28 1.59 -11.18
N ASP A 54 -6.86 2.29 -10.23
CA ASP A 54 -6.07 3.08 -9.30
C ASP A 54 -6.05 2.59 -7.88
N GLY A 55 -6.56 1.40 -7.58
CA GLY A 55 -6.43 0.85 -6.20
C GLY A 55 -7.60 1.02 -5.24
N GLN A 56 -8.65 1.70 -5.75
CA GLN A 56 -9.84 2.13 -4.99
C GLN A 56 -11.12 2.18 -5.92
N LEU A 57 -12.30 1.85 -5.37
CA LEU A 57 -13.58 1.92 -6.08
C LEU A 57 -14.32 3.21 -5.66
N ASP A 58 -14.69 4.03 -6.61
CA ASP A 58 -15.49 5.18 -6.30
C ASP A 58 -16.90 4.80 -6.69
N ARG A 59 -17.78 5.78 -6.45
CA ARG A 59 -19.19 5.62 -6.50
C ARG A 59 -19.65 5.09 -7.89
N LYS A 60 -19.11 5.66 -8.96
CA LYS A 60 -19.52 5.24 -10.31
C LYS A 60 -19.13 3.78 -10.59
N GLU A 61 -17.93 3.43 -10.10
CA GLU A 61 -17.41 2.06 -10.25
C GLU A 61 -18.36 1.08 -9.57
N LEU A 62 -18.84 1.42 -8.38
CA LEU A 62 -19.70 0.49 -7.69
C LEU A 62 -21.05 0.42 -8.36
N ILE A 63 -21.58 1.58 -8.77
CA ILE A 63 -22.84 1.62 -9.51
C ILE A 63 -22.70 0.74 -10.76
N GLU A 64 -21.66 0.95 -11.56
CA GLU A 64 -21.44 0.11 -12.76
C GLU A 64 -21.34 -1.40 -12.48
N GLY A 65 -20.77 -1.80 -11.34
CA GLY A 65 -20.73 -3.20 -10.97
C GLY A 65 -22.11 -3.82 -10.92
N TYR A 66 -23.04 -3.16 -10.24
CA TYR A 66 -24.44 -3.64 -10.19
C TYR A 66 -25.10 -3.60 -11.56
N ARG A 67 -24.96 -2.47 -12.26
CA ARG A 67 -25.52 -2.34 -13.59
C ARG A 67 -24.91 -3.36 -14.57
N LYS A 68 -23.61 -3.66 -14.44
CA LYS A 68 -22.95 -4.69 -15.26
C LYS A 68 -23.49 -6.08 -14.93
N LEU A 69 -23.71 -6.39 -13.65
CA LEU A 69 -24.33 -7.67 -13.25
C LEU A 69 -25.67 -7.92 -13.95
N MET A 70 -26.62 -7.02 -13.73
CA MET A 70 -27.94 -7.22 -14.32
C MET A 70 -27.90 -7.32 -15.85
N GLN A 71 -26.97 -6.61 -16.50
CA GLN A 71 -26.77 -6.70 -17.96
C GLN A 71 -25.72 -7.74 -18.36
N VAL A 77 -32.23 -2.77 -17.10
CA VAL A 77 -32.20 -2.14 -15.78
C VAL A 77 -33.20 -1.01 -15.63
N SER A 78 -34.31 -1.32 -14.97
CA SER A 78 -35.39 -0.37 -14.68
C SER A 78 -34.90 0.94 -14.04
N ASP A 79 -35.71 1.99 -14.12
N ASP A 79 -35.71 1.99 -14.14
CA ASP A 79 -35.46 3.24 -13.41
CA ASP A 79 -35.47 3.24 -13.41
C ASP A 79 -35.51 3.04 -11.87
C ASP A 79 -35.49 3.02 -11.88
N LEU A 80 -36.33 2.10 -11.42
CA LEU A 80 -36.44 1.71 -10.00
C LEU A 80 -35.32 0.76 -9.51
N ASP A 81 -34.86 -0.15 -10.37
CA ASP A 81 -33.67 -0.95 -10.07
C ASP A 81 -32.47 -0.01 -9.90
N SER A 82 -32.34 0.95 -10.83
CA SER A 82 -31.32 2.01 -10.76
C SER A 82 -31.29 2.69 -9.40
N SER A 83 -32.44 3.21 -8.95
CA SER A 83 -32.54 3.80 -7.62
C SER A 83 -32.28 2.76 -6.50
N GLN A 84 -32.62 1.49 -6.71
CA GLN A 84 -32.26 0.45 -5.74
C GLN A 84 -30.70 0.28 -5.70
N ILE A 85 -30.09 0.29 -6.88
CA ILE A 85 -28.60 0.21 -6.98
C ILE A 85 -27.94 1.44 -6.29
N GLU A 86 -28.49 2.64 -6.55
CA GLU A 86 -28.04 3.85 -5.89
C GLU A 86 -28.06 3.62 -4.38
N ALA A 87 -29.12 2.96 -3.90
CA ALA A 87 -29.29 2.68 -2.46
C ALA A 87 -28.24 1.71 -1.91
N GLU A 88 -27.91 0.68 -2.66
CA GLU A 88 -26.88 -0.30 -2.26
C GLU A 88 -25.50 0.35 -2.08
N VAL A 89 -25.18 1.28 -2.98
CA VAL A 89 -23.84 1.90 -3.00
C VAL A 89 -23.72 2.90 -1.86
N ASP A 90 -24.84 3.61 -1.59
CA ASP A 90 -24.89 4.55 -0.49
C ASP A 90 -24.57 3.82 0.77
N HIS A 91 -25.20 2.66 0.93
N HIS A 91 -25.16 2.66 0.95
CA HIS A 91 -24.94 1.76 2.07
CA HIS A 91 -24.87 1.87 2.16
C HIS A 91 -23.44 1.31 2.15
C HIS A 91 -23.40 1.34 2.16
N ILE A 92 -22.91 0.88 1.01
CA ILE A 92 -21.51 0.44 0.93
C ILE A 92 -20.61 1.54 1.38
N LEU A 93 -20.87 2.73 0.88
CA LEU A 93 -19.97 3.86 1.12
C LEU A 93 -19.99 4.35 2.58
N GLN A 94 -21.08 4.12 3.30
N GLN A 94 -21.05 4.04 3.31
CA GLN A 94 -21.10 4.39 4.76
CA GLN A 94 -21.09 4.39 4.74
C GLN A 94 -20.44 3.22 5.56
C GLN A 94 -20.71 3.20 5.67
N SER A 95 -20.65 1.97 5.14
CA SER A 95 -20.24 0.82 5.97
CA SER A 95 -20.27 0.78 5.92
C SER A 95 -18.82 0.27 5.69
N VAL A 96 -18.44 0.12 4.42
CA VAL A 96 -17.25 -0.48 3.98
C VAL A 96 -16.13 0.58 3.92
N ASP A 97 -16.49 1.86 3.71
CA ASP A 97 -15.46 2.88 3.66
C ASP A 97 -15.03 3.21 5.06
N PHE A 98 -14.11 2.41 5.61
CA PHE A 98 -13.68 2.56 7.00
C PHE A 98 -12.98 3.86 7.28
N ASP A 99 -12.17 4.36 6.36
CA ASP A 99 -11.45 5.62 6.63
C ASP A 99 -12.22 6.92 6.28
N ARG A 100 -13.43 6.77 5.73
CA ARG A 100 -14.35 7.88 5.49
CA ARG A 100 -14.37 7.88 5.42
C ARG A 100 -13.81 8.79 4.36
N ASN A 101 -13.10 8.21 3.40
CA ASN A 101 -12.45 9.05 2.35
C ASN A 101 -13.27 9.12 1.08
N GLY A 102 -14.35 8.37 1.03
CA GLY A 102 -15.25 8.41 -0.14
C GLY A 102 -15.02 7.37 -1.22
N TYR A 103 -14.00 6.50 -1.00
CA TYR A 103 -13.72 5.35 -1.90
C TYR A 103 -13.57 4.06 -1.02
N ILE A 104 -13.76 2.92 -1.67
CA ILE A 104 -13.45 1.61 -1.08
C ILE A 104 -12.10 1.18 -1.61
N GLU A 105 -11.11 1.25 -0.78
CA GLU A 105 -9.77 0.80 -1.17
C GLU A 105 -9.77 -0.74 -1.28
N TYR A 106 -8.82 -1.28 -2.08
CA TYR A 106 -8.61 -2.72 -2.17
C TYR A 106 -8.77 -3.43 -0.82
N SER A 107 -8.01 -3.02 0.18
CA SER A 107 -7.94 -3.79 1.44
CA SER A 107 -7.93 -3.73 1.47
C SER A 107 -9.21 -3.56 2.30
N GLU A 108 -9.89 -2.42 2.15
CA GLU A 108 -11.28 -2.28 2.71
C GLU A 108 -12.19 -3.32 2.09
N PHE A 109 -12.16 -3.43 0.75
CA PHE A 109 -12.90 -4.48 -0.07
C PHE A 109 -12.56 -5.93 0.35
N VAL A 110 -11.29 -6.23 0.44
CA VAL A 110 -10.92 -7.59 0.91
C VAL A 110 -11.45 -7.90 2.30
N THR A 111 -11.33 -6.94 3.20
CA THR A 111 -11.77 -7.15 4.59
C THR A 111 -13.22 -7.53 4.63
N VAL A 112 -14.05 -6.78 3.92
CA VAL A 112 -15.47 -7.03 3.95
C VAL A 112 -15.88 -8.29 3.19
N CYS A 113 -15.23 -8.53 2.07
CA CYS A 113 -15.65 -9.59 1.16
C CYS A 113 -15.10 -10.97 1.47
N MET A 114 -14.04 -11.05 2.24
CA MET A 114 -13.44 -12.32 2.52
C MET A 114 -14.31 -13.15 3.48
N ASP A 115 -14.43 -14.46 3.20
CA ASP A 115 -15.03 -15.44 4.14
C ASP A 115 -14.49 -15.25 5.57
N LYS A 116 -15.37 -14.97 6.52
CA LYS A 116 -14.90 -14.70 7.87
C LYS A 116 -14.41 -15.96 8.57
N GLN A 117 -14.85 -17.13 8.14
CA GLN A 117 -14.30 -18.36 8.67
C GLN A 117 -12.82 -18.48 8.30
N LEU A 118 -12.49 -17.98 7.11
N LEU A 118 -12.43 -17.99 7.13
CA LEU A 118 -11.13 -18.03 6.58
CA LEU A 118 -11.02 -18.08 6.74
C LEU A 118 -10.25 -16.92 7.20
C LEU A 118 -10.22 -16.91 7.30
N LEU A 119 -10.84 -15.72 7.38
CA LEU A 119 -10.12 -14.57 7.95
C LEU A 119 -9.81 -14.77 9.44
N LEU A 120 -10.82 -15.20 10.18
CA LEU A 120 -10.72 -15.28 11.67
C LEU A 120 -10.05 -16.59 12.12
N SER A 121 -8.84 -16.83 11.66
CA SER A 121 -8.08 -17.94 12.18
C SER A 121 -7.56 -17.50 13.55
N ARG A 122 -7.21 -18.49 14.37
CA ARG A 122 -6.73 -18.26 15.69
C ARG A 122 -5.44 -17.54 15.67
N GLU A 123 -4.56 -17.89 14.71
CA GLU A 123 -3.29 -17.18 14.45
C GLU A 123 -3.54 -15.70 14.12
N ARG A 124 -4.47 -15.40 13.22
CA ARG A 124 -4.74 -13.96 12.87
C ARG A 124 -5.35 -13.20 14.03
N LEU A 125 -6.28 -13.86 14.76
CA LEU A 125 -6.87 -13.25 15.92
C LEU A 125 -5.83 -12.91 16.96
N LEU A 126 -4.89 -13.83 17.18
CA LEU A 126 -3.97 -13.67 18.26
C LEU A 126 -2.94 -12.64 17.84
N ALA A 127 -2.57 -12.62 16.56
CA ALA A 127 -1.61 -11.62 16.09
C ALA A 127 -2.30 -10.20 16.25
N ALA A 128 -3.54 -10.03 15.76
CA ALA A 128 -4.20 -8.69 15.96
C ALA A 128 -4.18 -8.32 17.44
N PHE A 129 -4.59 -9.28 18.24
CA PHE A 129 -4.66 -9.06 19.67
C PHE A 129 -3.39 -8.42 20.24
N GLN A 130 -2.28 -9.08 19.97
CA GLN A 130 -0.99 -8.73 20.58
C GLN A 130 -0.54 -7.41 19.99
N GLN A 131 -0.91 -7.11 18.74
CA GLN A 131 -0.55 -5.79 18.15
C GLN A 131 -1.31 -4.57 18.85
N PHE A 132 -2.55 -4.86 19.26
CA PHE A 132 -3.36 -3.82 19.87
C PHE A 132 -3.02 -3.73 21.36
N ASP A 133 -2.71 -4.88 21.98
CA ASP A 133 -2.24 -4.92 23.36
C ASP A 133 -0.80 -4.45 23.43
N SER A 134 -0.57 -3.18 23.15
CA SER A 134 0.79 -2.70 23.01
C SER A 134 1.71 -2.76 24.25
N ASP A 135 1.20 -2.79 25.48
CA ASP A 135 2.10 -2.97 26.66
C ASP A 135 2.26 -4.45 27.09
N GLY A 136 1.69 -5.37 26.31
CA GLY A 136 1.65 -6.80 26.68
C GLY A 136 1.01 -7.14 28.05
N SER A 137 0.04 -6.34 28.50
CA SER A 137 -0.65 -6.59 29.78
C SER A 137 -1.60 -7.76 29.73
N GLY A 138 -1.93 -8.24 28.53
CA GLY A 138 -2.88 -9.30 28.38
C GLY A 138 -4.31 -8.82 28.22
N LYS A 139 -4.53 -7.50 28.27
CA LYS A 139 -5.85 -6.95 28.08
C LYS A 139 -5.69 -5.60 27.32
N ILE A 140 -6.65 -5.37 26.45
CA ILE A 140 -6.74 -4.14 25.64
C ILE A 140 -7.67 -3.11 26.35
N THR A 141 -7.14 -1.91 26.52
CA THR A 141 -7.77 -0.82 27.23
C THR A 141 -8.24 0.22 26.28
N ASN A 142 -8.97 1.17 26.81
CA ASN A 142 -9.47 2.33 26.07
C ASN A 142 -8.32 3.04 25.34
N GLU A 143 -7.22 3.32 26.05
CA GLU A 143 -6.06 4.01 25.53
C GLU A 143 -5.49 3.29 24.32
N GLU A 144 -5.50 1.95 24.35
CA GLU A 144 -4.96 1.18 23.32
C GLU A 144 -5.88 1.19 22.14
N LEU A 145 -7.21 1.15 22.35
CA LEU A 145 -8.07 1.34 21.17
C LEU A 145 -7.81 2.70 20.52
N GLY A 146 -7.72 3.72 21.36
CA GLY A 146 -7.45 5.06 20.93
C GLY A 146 -6.23 5.19 20.07
N ARG A 147 -5.11 4.60 20.50
CA ARG A 147 -3.86 4.62 19.73
C ARG A 147 -4.08 4.21 18.25
N LEU A 148 -4.95 3.25 18.01
CA LEU A 148 -5.23 2.77 16.64
C LEU A 148 -5.90 3.87 15.77
N PHE A 149 -6.55 4.80 16.42
CA PHE A 149 -7.29 5.86 15.74
C PHE A 149 -6.56 7.23 15.91
N GLY A 150 -5.30 7.14 16.26
CA GLY A 150 -4.44 8.33 16.47
C GLY A 150 -4.75 9.20 17.67
N VAL A 151 -5.52 8.71 18.63
CA VAL A 151 -5.88 9.56 19.76
C VAL A 151 -5.43 8.90 21.08
N THR A 152 -5.37 9.68 22.17
CA THR A 152 -4.91 9.16 23.48
C THR A 152 -5.98 8.30 24.20
N GLU A 153 -7.23 8.51 23.86
CA GLU A 153 -8.30 7.68 24.34
C GLU A 153 -9.49 7.83 23.42
N VAL A 154 -10.41 6.89 23.49
CA VAL A 154 -11.67 6.99 22.81
C VAL A 154 -12.73 7.52 23.78
N ASP A 155 -13.81 8.03 23.23
CA ASP A 155 -14.79 8.61 24.09
C ASP A 155 -15.61 7.49 24.77
N ASP A 156 -16.36 7.87 25.80
CA ASP A 156 -17.05 6.88 26.63
C ASP A 156 -18.06 6.04 25.85
N GLU A 157 -18.76 6.64 24.90
N GLU A 157 -18.81 6.61 24.89
CA GLU A 157 -19.79 5.96 24.12
CA GLU A 157 -19.82 5.80 24.17
C GLU A 157 -19.14 4.85 23.28
C GLU A 157 -19.11 4.77 23.32
N THR A 158 -18.01 5.18 22.68
CA THR A 158 -17.25 4.25 21.87
C THR A 158 -16.84 3.07 22.72
N TRP A 159 -16.18 3.34 23.85
CA TRP A 159 -15.70 2.25 24.68
C TRP A 159 -16.87 1.41 25.27
N HIS A 160 -17.97 2.08 25.65
CA HIS A 160 -19.13 1.39 26.18
C HIS A 160 -19.64 0.35 25.23
N GLN A 161 -19.67 0.72 23.96
CA GLN A 161 -20.15 -0.16 22.89
C GLN A 161 -19.29 -1.44 22.85
N VAL A 162 -17.98 -1.27 23.10
CA VAL A 162 -17.09 -2.38 23.05
C VAL A 162 -17.29 -3.31 24.26
N LEU A 163 -17.34 -2.68 25.45
CA LEU A 163 -17.49 -3.41 26.68
C LEU A 163 -18.80 -4.21 26.78
N GLN A 164 -19.87 -3.63 26.23
CA GLN A 164 -21.16 -4.24 26.32
C GLN A 164 -21.21 -5.55 25.53
N GLU A 165 -20.45 -5.59 24.46
CA GLU A 165 -20.36 -6.75 23.58
C GLU A 165 -19.49 -7.86 24.11
N CYS A 166 -18.50 -7.53 24.94
CA CYS A 166 -17.54 -8.56 25.32
C CYS A 166 -16.84 -8.48 26.65
N ASP A 167 -17.07 -7.47 27.50
CA ASP A 167 -16.38 -7.44 28.78
C ASP A 167 -17.13 -8.29 29.79
N LYS A 168 -17.05 -9.61 29.67
CA LYS A 168 -17.89 -10.48 30.48
C LYS A 168 -17.57 -10.46 31.93
N ASN A 169 -16.33 -10.13 32.28
CA ASN A 169 -15.99 -10.05 33.68
C ASN A 169 -16.08 -8.63 34.23
N ASN A 170 -16.54 -7.67 33.41
CA ASN A 170 -16.82 -6.32 33.91
C ASN A 170 -15.62 -5.60 34.52
N ASP A 171 -14.42 -5.80 33.95
CA ASP A 171 -13.23 -5.14 34.49
C ASP A 171 -12.79 -3.91 33.65
N GLY A 172 -13.55 -3.58 32.63
CA GLY A 172 -13.26 -2.39 31.86
C GLY A 172 -12.22 -2.54 30.75
N GLU A 173 -11.76 -3.79 30.56
CA GLU A 173 -10.76 -4.13 29.59
C GLU A 173 -11.13 -5.43 28.80
N VAL A 174 -10.52 -5.62 27.63
CA VAL A 174 -10.83 -6.74 26.76
C VAL A 174 -9.69 -7.74 26.75
N ASP A 175 -9.86 -8.94 27.35
CA ASP A 175 -8.80 -9.96 27.30
C ASP A 175 -8.94 -10.79 26.03
N PHE A 176 -8.00 -11.69 25.77
CA PHE A 176 -8.02 -12.38 24.49
C PHE A 176 -9.31 -13.22 24.25
N GLU A 177 -9.76 -13.89 25.31
CA GLU A 177 -10.92 -14.79 25.25
C GLU A 177 -12.18 -13.96 24.94
N GLU A 178 -12.24 -12.81 25.60
CA GLU A 178 -13.27 -11.83 25.36
C GLU A 178 -13.15 -11.27 23.92
N PHE A 179 -11.92 -10.98 23.47
CA PHE A 179 -11.72 -10.45 22.08
C PHE A 179 -12.27 -11.44 21.08
N VAL A 180 -11.98 -12.73 21.25
CA VAL A 180 -12.47 -13.74 20.32
C VAL A 180 -13.97 -13.86 20.32
N GLU A 181 -14.56 -13.86 21.51
CA GLU A 181 -16.04 -13.93 21.58
C GLU A 181 -16.67 -12.70 20.87
N MET A 182 -16.08 -11.52 21.07
CA MET A 182 -16.55 -10.34 20.36
C MET A 182 -16.59 -10.56 18.84
N MET A 183 -15.49 -11.10 18.29
CA MET A 183 -15.36 -11.28 16.88
C MET A 183 -16.24 -12.41 16.37
N GLN A 184 -16.41 -13.46 17.16
CA GLN A 184 -17.38 -14.53 16.81
C GLN A 184 -18.81 -14.03 16.60
N LYS A 185 -19.24 -13.13 17.48
CA LYS A 185 -20.57 -12.53 17.40
C LYS A 185 -20.73 -11.56 16.24
N ILE A 186 -19.73 -10.70 16.05
CA ILE A 186 -19.71 -9.75 14.92
C ILE A 186 -19.77 -10.50 13.62
N CYS A 187 -19.01 -11.57 13.48
CA CYS A 187 -18.90 -12.27 12.19
C CYS A 187 -19.78 -13.52 12.03
N ASP A 188 -20.51 -13.90 13.08
CA ASP A 188 -21.31 -15.14 13.15
C ASP A 188 -20.52 -16.38 12.73
N VAL A 189 -19.44 -16.62 13.45
CA VAL A 189 -18.53 -17.69 13.13
C VAL A 189 -17.96 -18.33 14.43
N LYS A 190 -17.71 -19.63 14.41
CA LYS A 190 -17.05 -20.29 15.54
C LYS A 190 -15.54 -20.43 15.24
N VAL A 191 -14.71 -19.91 16.13
CA VAL A 191 -13.28 -19.87 15.88
C VAL A 191 -12.54 -21.08 16.44
N GLY B 1 17.52 18.87 10.50
CA GLY B 1 18.29 19.08 9.22
C GLY B 1 19.25 17.94 8.91
N LYS B 2 20.33 17.84 9.70
CA LYS B 2 21.44 16.93 9.43
C LYS B 2 21.04 15.42 9.42
N HIS B 3 20.20 14.99 10.38
CA HIS B 3 19.79 13.57 10.49
C HIS B 3 19.01 13.06 9.26
N ALA B 4 18.03 13.83 8.81
CA ALA B 4 17.22 13.39 7.65
C ALA B 4 18.07 13.37 6.38
N LEU B 5 19.00 14.30 6.25
CA LEU B 5 19.87 14.35 5.07
C LEU B 5 20.79 13.11 5.11
N THR B 6 21.35 12.84 6.28
CA THR B 6 22.18 11.66 6.45
C THR B 6 21.42 10.41 6.03
N GLY B 7 20.19 10.24 6.49
CA GLY B 7 19.38 9.06 6.14
C GLY B 7 19.13 8.93 4.64
N ALA B 8 18.84 10.03 3.97
CA ALA B 8 18.54 9.98 2.54
C ALA B 8 19.77 9.72 1.68
N LEU B 9 20.88 10.29 2.08
CA LEU B 9 22.12 10.01 1.37
C LEU B 9 22.52 8.52 1.62
N GLY B 10 22.32 8.02 2.84
CA GLY B 10 22.51 6.61 3.15
C GLY B 10 21.65 5.74 2.24
N ASN B 11 20.36 6.05 2.12
CA ASN B 11 19.48 5.23 1.30
C ASN B 11 19.76 5.23 -0.22
N MET B 12 20.20 6.38 -0.75
CA MET B 12 20.65 6.44 -2.14
C MET B 12 21.89 5.52 -2.31
N LYS B 13 22.73 5.43 -1.28
CA LYS B 13 23.96 4.56 -1.30
C LYS B 13 23.66 3.06 -1.27
N LYS B 14 22.66 2.68 -0.48
CA LYS B 14 22.21 1.31 -0.46
C LYS B 14 21.55 0.96 -1.77
N PHE B 15 20.95 1.93 -2.45
CA PHE B 15 20.13 1.63 -3.69
C PHE B 15 20.95 1.02 -4.83
N GLN B 16 20.50 -0.10 -5.32
CA GLN B 16 21.16 -0.77 -6.46
C GLN B 16 20.17 -0.88 -7.60
N SER B 17 20.63 -0.89 -8.85
CA SER B 17 19.66 -1.05 -9.94
C SER B 17 18.98 -2.41 -9.93
N SER B 18 17.84 -2.47 -10.60
CA SER B 18 17.13 -3.67 -10.74
C SER B 18 16.57 -3.85 -12.17
N GLN B 19 16.08 -5.05 -12.43
CA GLN B 19 15.46 -5.30 -13.69
C GLN B 19 14.32 -4.28 -13.96
N LYS B 20 13.92 -4.19 -15.23
CA LYS B 20 13.15 -3.03 -15.71
C LYS B 20 11.70 -3.01 -15.26
N LEU B 21 11.05 -4.17 -15.07
CA LEU B 21 9.66 -4.17 -14.55
C LEU B 21 9.65 -3.62 -13.13
N ALA B 22 10.56 -4.09 -12.30
CA ALA B 22 10.67 -3.52 -10.98
C ALA B 22 11.03 -2.06 -10.98
N GLN B 23 11.90 -1.60 -11.85
CA GLN B 23 12.24 -0.24 -11.94
C GLN B 23 11.06 0.62 -12.27
N ALA B 24 10.37 0.24 -13.32
CA ALA B 24 9.22 1.02 -13.75
C ALA B 24 8.11 1.12 -12.65
N ALA B 25 7.89 0.02 -11.97
CA ALA B 25 6.90 -0.12 -10.89
C ALA B 25 7.26 0.88 -9.77
N MET B 26 8.49 0.85 -9.28
CA MET B 26 8.85 1.74 -8.15
C MET B 26 8.62 3.18 -8.52
N LEU B 27 9.13 3.52 -9.70
CA LEU B 27 9.16 4.90 -10.12
C LEU B 27 7.70 5.42 -10.31
N PHE B 28 6.83 4.63 -10.96
CA PHE B 28 5.40 5.01 -11.12
C PHE B 28 4.70 5.22 -9.76
N MET B 29 4.86 4.28 -8.83
CA MET B 29 4.29 4.38 -7.47
C MET B 29 4.84 5.63 -6.77
N GLY B 30 6.14 5.85 -6.94
CA GLY B 30 6.84 6.89 -6.17
C GLY B 30 6.54 8.27 -6.79
N SER B 31 6.40 8.32 -8.12
N SER B 31 6.40 8.32 -8.11
CA SER B 31 6.26 9.57 -8.85
CA SER B 31 6.28 9.58 -8.82
C SER B 31 4.82 10.03 -8.97
C SER B 31 4.84 10.02 -9.00
N LYS B 32 3.91 9.04 -9.15
CA LYS B 32 2.51 9.30 -9.40
C LYS B 32 1.48 8.91 -8.34
N LEU B 33 1.79 7.95 -7.46
N LEU B 33 1.80 7.94 -7.47
CA LEU B 33 0.76 7.42 -6.60
CA LEU B 33 0.79 7.37 -6.60
C LEU B 33 0.94 7.88 -5.18
C LEU B 33 1.04 7.72 -5.16
N THR B 34 1.99 8.63 -4.90
CA THR B 34 2.29 9.06 -3.53
C THR B 34 1.68 10.46 -3.37
N THR B 35 1.17 10.77 -2.19
CA THR B 35 0.69 12.11 -2.03
C THR B 35 1.87 13.02 -1.62
N LEU B 36 1.74 14.34 -1.90
CA LEU B 36 2.79 15.23 -1.47
C LEU B 36 2.83 15.32 0.07
N GLU B 37 1.68 15.09 0.72
CA GLU B 37 1.64 15.01 2.20
C GLU B 37 2.53 13.89 2.72
N GLU B 38 2.45 12.71 2.09
CA GLU B 38 3.31 11.56 2.44
C GLU B 38 4.79 11.82 2.23
N THR B 39 5.11 12.65 1.26
CA THR B 39 6.53 12.91 0.92
C THR B 39 7.10 14.26 1.41
N LYS B 40 6.36 14.92 2.30
CA LYS B 40 6.71 16.27 2.66
C LYS B 40 8.10 16.37 3.31
N GLU B 41 8.51 15.41 4.16
CA GLU B 41 9.85 15.41 4.76
CA GLU B 41 9.86 15.46 4.75
C GLU B 41 10.93 15.18 3.68
N LEU B 42 10.61 14.36 2.72
CA LEU B 42 11.52 14.19 1.57
C LEU B 42 11.62 15.45 0.72
N THR B 43 10.51 16.19 0.58
CA THR B 43 10.53 17.51 -0.10
C THR B 43 11.46 18.50 0.61
N GLN B 44 11.38 18.58 1.92
CA GLN B 44 12.33 19.41 2.67
C GLN B 44 13.78 19.07 2.41
N ILE B 45 14.11 17.77 2.45
CA ILE B 45 15.46 17.27 2.13
C ILE B 45 15.89 17.61 0.75
N PHE B 46 15.05 17.31 -0.24
CA PHE B 46 15.38 17.72 -1.59
C PHE B 46 15.74 19.25 -1.79
N ARG B 47 14.94 20.13 -1.23
CA ARG B 47 15.16 21.56 -1.31
C ARG B 47 16.52 21.94 -0.67
N GLN B 48 17.01 21.19 0.29
CA GLN B 48 18.22 21.57 0.97
C GLN B 48 19.40 21.20 0.06
N LEU B 49 19.22 20.15 -0.75
CA LEU B 49 20.20 19.74 -1.74
C LEU B 49 20.10 20.57 -3.03
N ASP B 50 18.88 21.05 -3.38
CA ASP B 50 18.60 21.68 -4.73
C ASP B 50 19.01 23.13 -4.66
N ASN B 51 20.32 23.36 -4.82
CA ASN B 51 20.91 24.67 -4.50
C ASN B 51 20.41 25.78 -5.41
N ASN B 52 20.17 25.46 -6.68
CA ASN B 52 19.64 26.44 -7.65
C ASN B 52 18.17 26.27 -7.82
N GLY B 53 17.54 25.47 -7.00
CA GLY B 53 16.04 25.40 -7.02
C GLY B 53 15.37 25.08 -8.36
N ASP B 54 15.94 24.20 -9.17
CA ASP B 54 15.33 23.91 -10.47
C ASP B 54 14.67 22.52 -10.47
N GLY B 55 14.55 21.87 -9.32
CA GLY B 55 13.79 20.56 -9.38
C GLY B 55 14.50 19.25 -9.82
N GLN B 56 15.82 19.35 -9.93
CA GLN B 56 16.72 18.23 -10.25
C GLN B 56 18.03 18.51 -9.53
N LEU B 57 18.73 17.43 -9.12
CA LEU B 57 20.05 17.55 -8.52
C LEU B 57 21.13 17.18 -9.52
N ASP B 58 22.04 18.09 -9.79
CA ASP B 58 23.19 17.83 -10.65
C ASP B 58 24.37 17.35 -9.81
N ARG B 59 25.43 16.93 -10.50
CA ARG B 59 26.57 16.33 -9.81
C ARG B 59 27.11 17.24 -8.67
N LYS B 60 27.33 18.52 -8.97
CA LYS B 60 27.90 19.45 -7.99
C LYS B 60 27.02 19.52 -6.75
N GLU B 61 25.70 19.57 -6.95
CA GLU B 61 24.76 19.64 -5.82
C GLU B 61 24.89 18.42 -4.92
N LEU B 62 25.07 17.25 -5.52
CA LEU B 62 25.15 16.03 -4.73
C LEU B 62 26.48 16.01 -3.99
N ILE B 63 27.56 16.37 -4.70
CA ILE B 63 28.88 16.47 -4.06
C ILE B 63 28.84 17.44 -2.85
N GLU B 64 28.28 18.62 -3.09
CA GLU B 64 28.11 19.62 -2.02
C GLU B 64 27.25 19.13 -0.86
N GLY B 65 26.23 18.32 -1.11
CA GLY B 65 25.43 17.77 -0.01
C GLY B 65 26.31 16.98 0.97
N TYR B 66 27.17 16.15 0.41
CA TYR B 66 28.10 15.38 1.22
C TYR B 66 29.14 16.26 1.95
N ARG B 67 29.74 17.20 1.20
CA ARG B 67 30.74 18.12 1.74
C ARG B 67 30.14 19.02 2.83
N LYS B 68 28.94 19.56 2.58
CA LYS B 68 28.15 20.31 3.58
C LYS B 68 28.08 19.50 4.89
N LEU B 69 27.60 18.26 4.81
CA LEU B 69 27.47 17.38 5.98
C LEU B 69 28.77 17.28 6.77
N MET B 70 29.86 16.95 6.10
CA MET B 70 31.12 16.69 6.78
C MET B 70 31.77 17.95 7.35
N GLN B 71 31.53 19.08 6.71
CA GLN B 71 32.13 20.34 7.10
C GLN B 71 31.29 21.12 8.10
N TRP B 72 30.26 20.48 8.66
CA TRP B 72 29.29 21.17 9.52
C TRP B 72 29.95 21.68 10.81
N LYS B 73 31.02 21.01 11.27
CA LYS B 73 31.71 21.41 12.49
C LYS B 73 32.91 22.29 12.16
N GLY B 74 32.97 22.81 10.94
CA GLY B 74 34.07 23.68 10.50
C GLY B 74 35.31 22.92 10.05
N ASP B 75 35.23 21.61 10.00
CA ASP B 75 36.35 20.77 9.62
C ASP B 75 36.39 20.62 8.11
N THR B 76 37.61 20.63 7.58
CA THR B 76 37.86 20.41 6.17
C THR B 76 37.58 18.92 5.85
N VAL B 77 37.18 18.63 4.62
CA VAL B 77 37.05 17.23 4.16
C VAL B 77 38.41 16.72 3.66
N SER B 78 38.86 15.55 4.14
CA SER B 78 40.18 15.05 3.74
C SER B 78 40.19 14.66 2.26
N ASP B 79 41.37 14.51 1.67
CA ASP B 79 41.46 14.12 0.26
C ASP B 79 40.86 12.71 0.06
N LEU B 80 41.17 11.81 0.99
CA LEU B 80 40.60 10.45 0.94
C LEU B 80 39.05 10.49 0.97
N ASP B 81 38.48 11.19 1.94
CA ASP B 81 37.04 11.35 2.02
C ASP B 81 36.46 12.02 0.75
N SER B 82 37.19 13.00 0.20
N SER B 82 37.18 13.00 0.20
CA SER B 82 36.74 13.69 -1.00
CA SER B 82 36.74 13.70 -0.99
C SER B 82 36.59 12.73 -2.18
C SER B 82 36.61 12.74 -2.19
N SER B 83 37.60 11.88 -2.39
CA SER B 83 37.53 10.90 -3.47
C SER B 83 36.42 9.84 -3.18
N GLN B 84 36.18 9.50 -1.90
CA GLN B 84 35.05 8.62 -1.60
C GLN B 84 33.70 9.29 -1.93
N ILE B 85 33.58 10.59 -1.65
CA ILE B 85 32.37 11.34 -2.00
C ILE B 85 32.14 11.33 -3.51
N GLU B 86 33.19 11.55 -4.28
CA GLU B 86 33.11 11.46 -5.72
C GLU B 86 32.53 10.09 -6.08
N ALA B 87 33.02 9.04 -5.42
CA ALA B 87 32.55 7.68 -5.68
C ALA B 87 31.08 7.48 -5.37
N GLU B 88 30.65 7.97 -4.21
CA GLU B 88 29.23 7.91 -3.83
C GLU B 88 28.33 8.60 -4.86
N VAL B 89 28.78 9.73 -5.39
CA VAL B 89 27.98 10.46 -6.29
C VAL B 89 27.95 9.77 -7.66
N ASP B 90 29.09 9.18 -8.07
CA ASP B 90 29.11 8.35 -9.26
C ASP B 90 28.09 7.23 -9.12
N HIS B 91 28.10 6.53 -7.99
CA HIS B 91 27.07 5.51 -7.77
C HIS B 91 25.62 6.05 -7.89
N ILE B 92 25.34 7.19 -7.26
CA ILE B 92 24.00 7.73 -7.33
C ILE B 92 23.61 8.02 -8.77
N LEU B 93 24.52 8.61 -9.57
CA LEU B 93 24.14 9.01 -10.94
C LEU B 93 23.95 7.78 -11.87
N GLN B 94 24.47 6.62 -11.46
N GLN B 94 24.52 6.65 -11.47
CA GLN B 94 24.30 5.37 -12.23
CA GLN B 94 24.30 5.40 -12.19
C GLN B 94 23.06 4.57 -11.80
C GLN B 94 22.93 4.85 -11.81
N SER B 95 22.68 4.66 -10.52
CA SER B 95 21.53 3.87 -10.04
CA SER B 95 21.52 3.86 -10.09
C SER B 95 20.22 4.65 -9.90
N VAL B 96 20.31 5.87 -9.36
CA VAL B 96 19.13 6.69 -9.06
C VAL B 96 18.66 7.49 -10.30
N ASP B 97 19.56 7.76 -11.23
CA ASP B 97 19.16 8.52 -12.42
C ASP B 97 18.41 7.58 -13.39
N PHE B 98 17.14 7.32 -13.14
CA PHE B 98 16.39 6.35 -13.94
C PHE B 98 16.31 6.66 -15.44
N ASP B 99 16.15 7.94 -15.82
CA ASP B 99 15.99 8.28 -17.23
C ASP B 99 17.32 8.59 -17.94
N ARG B 100 18.42 8.47 -17.20
N ARG B 100 18.43 8.39 -17.24
CA ARG B 100 19.79 8.66 -17.72
CA ARG B 100 19.81 8.63 -17.75
C ARG B 100 20.01 10.00 -18.37
C ARG B 100 20.00 9.99 -18.39
N ASN B 101 19.26 10.99 -17.88
CA ASN B 101 19.44 12.38 -18.40
C ASN B 101 20.60 13.06 -17.73
N GLY B 102 21.11 12.49 -16.68
CA GLY B 102 22.31 12.95 -16.00
C GLY B 102 22.08 13.77 -14.70
N TYR B 103 20.82 13.89 -14.31
CA TYR B 103 20.41 14.55 -13.07
C TYR B 103 19.47 13.56 -12.31
N ILE B 104 19.36 13.83 -11.05
CA ILE B 104 18.33 13.25 -10.17
C ILE B 104 17.16 14.21 -10.01
N GLU B 105 16.08 13.94 -10.71
CA GLU B 105 14.87 14.71 -10.57
C GLU B 105 14.19 14.40 -9.25
N TYR B 106 13.35 15.35 -8.82
CA TYR B 106 12.63 15.19 -7.57
C TYR B 106 12.05 13.77 -7.41
N SER B 107 11.25 13.37 -8.39
CA SER B 107 10.50 12.09 -8.25
C SER B 107 11.42 10.83 -8.25
N GLU B 108 12.63 10.94 -8.83
CA GLU B 108 13.64 9.86 -8.75
C GLU B 108 14.17 9.75 -7.35
N PHE B 109 14.46 10.92 -6.73
CA PHE B 109 14.91 11.06 -5.32
C PHE B 109 13.87 10.54 -4.39
N VAL B 110 12.62 10.94 -4.60
N VAL B 110 12.62 10.92 -4.57
CA VAL B 110 11.50 10.42 -3.79
CA VAL B 110 11.56 10.41 -3.70
C VAL B 110 11.46 8.90 -3.84
C VAL B 110 11.37 8.89 -3.83
N THR B 111 11.38 8.37 -5.05
CA THR B 111 11.27 6.94 -5.28
C THR B 111 12.32 6.18 -4.54
N VAL B 112 13.56 6.63 -4.65
CA VAL B 112 14.64 5.92 -3.98
C VAL B 112 14.65 6.04 -2.47
N CYS B 113 14.37 7.26 -2.01
CA CYS B 113 14.54 7.55 -0.61
C CYS B 113 13.37 7.22 0.24
N MET B 114 12.20 6.99 -0.34
CA MET B 114 11.03 6.73 0.51
C MET B 114 11.12 5.33 1.13
N ASP B 115 10.73 5.21 2.41
CA ASP B 115 10.55 3.90 3.10
C ASP B 115 9.71 2.97 2.24
N LYS B 116 10.27 1.80 1.91
CA LYS B 116 9.57 0.91 0.97
C LYS B 116 8.39 0.20 1.60
N GLN B 117 8.40 0.10 2.92
CA GLN B 117 7.20 -0.37 3.62
C GLN B 117 6.03 0.59 3.41
N LEU B 118 6.31 1.88 3.35
N LEU B 118 6.28 1.88 3.33
CA LEU B 118 5.28 2.88 3.17
CA LEU B 118 5.21 2.84 3.13
C LEU B 118 4.88 2.98 1.71
C LEU B 118 4.86 2.92 1.67
N LEU B 119 5.88 2.88 0.81
CA LEU B 119 5.61 2.97 -0.63
C LEU B 119 4.80 1.76 -1.16
N LEU B 120 5.25 0.57 -0.79
CA LEU B 120 4.67 -0.68 -1.30
C LEU B 120 3.37 -1.07 -0.54
N SER B 121 2.41 -0.18 -0.48
CA SER B 121 1.10 -0.56 0.03
C SER B 121 0.45 -1.47 -1.03
N ARG B 122 -0.48 -2.32 -0.61
CA ARG B 122 -1.20 -3.17 -1.54
C ARG B 122 -1.99 -2.36 -2.52
N GLU B 123 -2.56 -1.23 -2.10
CA GLU B 123 -3.33 -0.40 -3.01
C GLU B 123 -2.36 0.16 -4.13
N ARG B 124 -1.19 0.64 -3.72
CA ARG B 124 -0.27 1.19 -4.74
C ARG B 124 0.27 0.10 -5.69
N LEU B 125 0.58 -1.09 -5.13
CA LEU B 125 1.02 -2.20 -5.97
C LEU B 125 -0.07 -2.57 -6.98
N LEU B 126 -1.34 -2.61 -6.56
CA LEU B 126 -2.39 -3.09 -7.43
C LEU B 126 -2.66 -1.97 -8.44
N ALA B 127 -2.56 -0.69 -8.06
CA ALA B 127 -2.79 0.38 -9.07
C ALA B 127 -1.66 0.23 -10.16
N ALA B 128 -0.40 0.09 -9.74
CA ALA B 128 0.74 -0.11 -10.66
C ALA B 128 0.46 -1.28 -11.58
N PHE B 129 0.06 -2.41 -11.01
CA PHE B 129 -0.18 -3.62 -11.80
C PHE B 129 -1.20 -3.40 -12.89
N GLN B 130 -2.29 -2.78 -12.50
CA GLN B 130 -3.37 -2.59 -13.42
C GLN B 130 -3.00 -1.62 -14.52
N GLN B 131 -2.24 -0.58 -14.19
N GLN B 131 -2.23 -0.56 -14.22
CA GLN B 131 -1.83 0.40 -15.19
CA GLN B 131 -1.81 0.37 -15.27
C GLN B 131 -0.80 -0.18 -16.22
C GLN B 131 -0.90 -0.32 -16.30
N PHE B 132 0.00 -1.18 -15.80
CA PHE B 132 0.93 -1.89 -16.68
C PHE B 132 0.24 -3.01 -17.47
N ASP B 133 -0.69 -3.71 -16.83
CA ASP B 133 -1.52 -4.73 -17.49
C ASP B 133 -2.56 -4.03 -18.35
N SER B 134 -2.14 -3.42 -19.42
CA SER B 134 -3.01 -2.52 -20.16
C SER B 134 -4.21 -3.16 -20.89
N ASP B 135 -4.19 -4.46 -21.20
CA ASP B 135 -5.38 -5.16 -21.74
C ASP B 135 -6.29 -5.85 -20.69
N GLY B 136 -5.96 -5.71 -19.42
CA GLY B 136 -6.73 -6.36 -18.37
C GLY B 136 -6.74 -7.88 -18.42
N SER B 137 -5.71 -8.50 -19.01
CA SER B 137 -5.64 -9.95 -19.09
C SER B 137 -5.28 -10.55 -17.75
N GLY B 138 -4.83 -9.74 -16.79
CA GLY B 138 -4.44 -10.27 -15.47
C GLY B 138 -2.97 -10.70 -15.42
N LYS B 139 -2.25 -10.54 -16.54
CA LYS B 139 -0.82 -10.82 -16.55
C LYS B 139 -0.08 -9.79 -17.43
N ILE B 140 1.08 -9.36 -16.93
CA ILE B 140 1.95 -8.45 -17.65
C ILE B 140 2.91 -9.25 -18.58
N THR B 141 2.88 -8.88 -19.85
CA THR B 141 3.70 -9.46 -20.91
C THR B 141 4.92 -8.56 -21.20
N ASN B 142 5.81 -9.09 -22.02
CA ASN B 142 6.98 -8.42 -22.55
C ASN B 142 6.55 -7.11 -23.23
N GLU B 143 5.56 -7.20 -24.12
CA GLU B 143 5.08 -6.03 -24.82
C GLU B 143 4.55 -4.92 -23.91
N GLU B 144 3.88 -5.30 -22.82
CA GLU B 144 3.39 -4.36 -21.88
C GLU B 144 4.51 -3.72 -21.14
N LEU B 145 5.57 -4.47 -20.82
CA LEU B 145 6.75 -3.82 -20.27
C LEU B 145 7.38 -2.79 -21.25
N GLY B 146 7.48 -3.23 -22.51
CA GLY B 146 7.98 -2.40 -23.60
C GLY B 146 7.26 -1.08 -23.69
N ARG B 147 5.93 -1.11 -23.64
CA ARG B 147 5.12 0.09 -23.71
C ARG B 147 5.57 1.12 -22.68
N LEU B 148 5.97 0.67 -21.50
CA LEU B 148 6.44 1.63 -20.47
C LEU B 148 7.70 2.39 -20.87
N PHE B 149 8.51 1.77 -21.75
CA PHE B 149 9.76 2.34 -22.22
C PHE B 149 9.65 2.81 -23.68
N GLY B 150 8.41 2.97 -24.14
CA GLY B 150 8.13 3.50 -25.48
C GLY B 150 8.44 2.57 -26.64
N VAL B 151 8.59 1.28 -26.37
CA VAL B 151 8.96 0.35 -27.44
C VAL B 151 7.91 -0.76 -27.55
N THR B 152 7.84 -1.45 -28.69
CA THR B 152 6.81 -2.47 -28.92
C THR B 152 7.11 -3.79 -28.20
N GLU B 153 8.38 -4.02 -27.90
CA GLU B 153 8.83 -5.08 -27.03
C GLU B 153 10.15 -4.77 -26.40
N VAL B 154 10.47 -5.58 -25.41
CA VAL B 154 11.74 -5.55 -24.72
C VAL B 154 12.61 -6.70 -25.27
N ASP B 155 13.92 -6.53 -25.28
CA ASP B 155 14.80 -7.61 -25.74
C ASP B 155 14.75 -8.82 -24.78
N ASP B 156 15.14 -9.98 -25.29
CA ASP B 156 15.04 -11.24 -24.53
C ASP B 156 15.80 -11.17 -23.17
N GLU B 157 16.93 -10.50 -23.11
CA GLU B 157 17.71 -10.46 -21.90
C GLU B 157 16.98 -9.67 -20.83
N THR B 158 16.38 -8.54 -21.22
CA THR B 158 15.59 -7.74 -20.31
C THR B 158 14.46 -8.58 -19.77
N TRP B 159 13.67 -9.20 -20.64
CA TRP B 159 12.54 -9.99 -20.17
C TRP B 159 12.98 -11.23 -19.32
N HIS B 160 14.10 -11.84 -19.68
CA HIS B 160 14.61 -12.98 -18.96
C HIS B 160 14.89 -12.62 -17.52
N GLN B 161 15.50 -11.45 -17.32
CA GLN B 161 15.82 -10.92 -15.99
C GLN B 161 14.55 -10.79 -15.14
N VAL B 162 13.45 -10.33 -15.75
CA VAL B 162 12.20 -10.19 -15.01
C VAL B 162 11.62 -11.58 -14.66
N LEU B 163 11.59 -12.46 -15.67
CA LEU B 163 10.99 -13.79 -15.44
C LEU B 163 11.75 -14.66 -14.40
N GLN B 164 13.08 -14.59 -14.41
CA GLN B 164 13.84 -15.41 -13.48
C GLN B 164 13.56 -15.00 -12.03
N GLU B 165 13.26 -13.74 -11.80
CA GLU B 165 12.97 -13.25 -10.47
C GLU B 165 11.56 -13.57 -9.99
N CYS B 166 10.60 -13.79 -10.89
CA CYS B 166 9.23 -13.91 -10.40
C CYS B 166 8.24 -14.75 -11.15
N ASP B 167 8.63 -15.35 -12.28
CA ASP B 167 7.66 -16.10 -13.09
C ASP B 167 7.57 -17.53 -12.56
N LYS B 168 6.96 -17.71 -11.39
CA LYS B 168 7.06 -18.98 -10.67
C LYS B 168 6.35 -20.12 -11.39
N ASN B 169 5.33 -19.80 -12.20
CA ASN B 169 4.65 -20.86 -12.91
C ASN B 169 5.16 -21.04 -14.33
N ASN B 170 6.23 -20.31 -14.72
CA ASN B 170 6.89 -20.49 -16.00
C ASN B 170 6.02 -20.33 -17.25
N ASP B 171 5.08 -19.38 -17.20
CA ASP B 171 4.23 -19.15 -18.34
C ASP B 171 4.67 -17.95 -19.20
N GLY B 172 5.79 -17.33 -18.87
CA GLY B 172 6.29 -16.24 -19.74
C GLY B 172 5.69 -14.87 -19.42
N GLU B 173 4.80 -14.80 -18.43
CA GLU B 173 4.08 -13.57 -18.04
C GLU B 173 4.05 -13.39 -16.49
N VAL B 174 3.74 -12.18 -16.02
CA VAL B 174 3.86 -11.83 -14.60
C VAL B 174 2.45 -11.52 -14.10
N ASP B 175 1.91 -12.42 -13.29
CA ASP B 175 0.57 -12.15 -12.67
C ASP B 175 0.75 -11.31 -11.41
N PHE B 176 -0.34 -10.90 -10.81
CA PHE B 176 -0.20 -9.95 -9.69
C PHE B 176 0.55 -10.53 -8.45
N GLU B 177 0.28 -11.78 -8.16
CA GLU B 177 0.93 -12.45 -7.04
C GLU B 177 2.39 -12.51 -7.31
N GLU B 178 2.77 -12.86 -8.53
CA GLU B 178 4.16 -12.83 -8.92
C GLU B 178 4.79 -11.40 -8.91
N PHE B 179 4.01 -10.39 -9.32
CA PHE B 179 4.49 -9.01 -9.29
C PHE B 179 4.80 -8.60 -7.86
N VAL B 180 3.89 -8.94 -6.93
CA VAL B 180 4.13 -8.63 -5.55
C VAL B 180 5.39 -9.29 -4.96
N GLU B 181 5.58 -10.59 -5.25
CA GLU B 181 6.77 -11.30 -4.77
C GLU B 181 8.03 -10.69 -5.35
N MET B 182 7.98 -10.33 -6.63
CA MET B 182 9.11 -9.64 -7.26
C MET B 182 9.48 -8.39 -6.42
N MET B 183 8.45 -7.59 -6.08
CA MET B 183 8.69 -6.32 -5.37
C MET B 183 9.14 -6.52 -3.91
N GLN B 184 8.58 -7.53 -3.24
CA GLN B 184 9.02 -7.93 -1.92
C GLN B 184 10.53 -8.29 -1.86
N LYS B 185 11.02 -9.02 -2.84
CA LYS B 185 12.44 -9.34 -2.90
C LYS B 185 13.27 -8.13 -3.31
N ILE B 186 12.84 -7.32 -4.29
CA ILE B 186 13.62 -6.12 -4.68
C ILE B 186 13.76 -5.17 -3.50
N CYS B 187 12.70 -4.93 -2.77
CA CYS B 187 12.80 -3.93 -1.69
C CYS B 187 12.98 -4.52 -0.27
N ASP B 188 13.10 -5.85 -0.14
CA ASP B 188 13.27 -6.56 1.16
C ASP B 188 12.18 -6.17 2.19
N VAL B 189 10.93 -6.34 1.77
CA VAL B 189 9.81 -5.92 2.54
C VAL B 189 8.68 -6.98 2.39
N LYS B 190 7.91 -7.22 3.45
CA LYS B 190 6.70 -8.05 3.36
C LYS B 190 5.42 -7.18 3.17
N VAL B 191 4.71 -7.39 2.09
CA VAL B 191 3.62 -6.49 1.74
C VAL B 191 2.29 -6.92 2.33
CA CA C . -11.81 4.32 2.07
CA CA D . -2.78 -3.71 27.43
CA CA E . -12.78 -7.93 30.67
CA CA F . -10.99 3.13 -9.40
MG MG G . -9.16 -2.74 -13.76
CA CA H . 19.39 21.81 -9.09
CA CA I . 17.16 11.75 -14.16
CA CA J . -1.80 -8.15 -19.98
CA CA K . 3.75 -16.30 -14.56
C1 GOL L . 8.25 10.34 -13.35
O1 GOL L . 9.34 10.38 -12.42
C2 GOL L . 7.92 8.89 -13.70
O2 GOL L . 8.46 8.70 -14.94
C3 GOL L . 6.49 8.36 -13.84
O3 GOL L . 6.40 6.90 -13.69
MG MG M . 12.64 12.02 -14.35
MG MG N . 16.72 24.97 -2.65
C1 GOL O . 16.36 -0.96 -6.03
O1 GOL O . 16.26 -1.50 -7.36
C2 GOL O . 16.75 -1.87 -4.86
O2 GOL O . 15.66 -2.13 -4.12
C3 GOL O . 17.45 -1.29 -3.66
O3 GOL O . 18.83 -1.57 -3.74
C1 GOL P . 19.52 -0.20 -17.48
O1 GOL P . 19.37 0.71 -16.34
C2 GOL P . 18.44 0.21 -18.54
O2 GOL P . 17.32 -0.68 -18.65
C3 GOL P . 18.96 0.52 -19.91
O3 GOL P . 19.46 1.83 -19.95
#